data_3SZ1
#
_entry.id   3SZ1
#
_cell.length_a   92.260
_cell.length_b   62.150
_cell.length_c   119.130
_cell.angle_alpha   90.00
_cell.angle_beta   101.67
_cell.angle_gamma   90.00
#
_symmetry.space_group_name_H-M   'C 1 2 1'
#
loop_
_entity.id
_entity.type
_entity.pdbx_description
1 polymer 'Peroxisome proliferator-activated receptor gamma'
2 non-polymer 'nonanoic acid'
3 non-polymer 2-(3,4-dihydroxyphenyl)-5,7-dihydroxy-4H-chromen-4-one
4 non-polymer 'MYRISTIC ACID'
5 water water
#
_entity_poly.entity_id   1
_entity_poly.type   'polypeptide(L)'
_entity_poly.pdbx_seq_one_letter_code
;GSHMLNPESADLRALAKHLYDSYIKSFPLTKAKARAILTGKTTDKSPFVIYDMNSLMMGEDKIKFKHITPLQEQSKEVAI
RIFQGCQFRSVEAVQEITEYAKSIPGFVNLDLNDQVTLLKYGVHEIIYTMLASLMNKDGVLISEGQGFMTREFLKSLRKP
FGDFMEPKFEFAVKFNALELDDSDLAIFIAVIILSGDRPGLLNVKPIEDIQDNLLQALELQLKLNHPESSQLFAKLLQKM
TDLRQIVTEHVQLLQVIKKTETDMSLHPLLQEIYKDLY
;
_entity_poly.pdbx_strand_id   A,B
#
loop_
_chem_comp.id
_chem_comp.type
_chem_comp.name
_chem_comp.formula
KNA non-polymer 'nonanoic acid' 'C9 H18 O2'
LU2 non-polymer 2-(3,4-dihydroxyphenyl)-5,7-dihydroxy-4H-chromen-4-one 'C15 H10 O6'
MYR non-polymer 'MYRISTIC ACID' 'C14 H28 O2'
#
# COMPACT_ATOMS: atom_id res chain seq x y z
N GLU A 8 12.98 -21.60 13.47
CA GLU A 8 12.18 -22.39 14.39
C GLU A 8 11.38 -21.48 15.27
N SER A 9 10.38 -22.03 15.90
CA SER A 9 9.44 -21.25 16.65
C SER A 9 10.10 -20.56 17.83
N ALA A 10 11.00 -21.25 18.48
CA ALA A 10 11.76 -20.70 19.60
C ALA A 10 12.68 -19.52 19.24
N ASP A 11 13.28 -19.60 18.06
CA ASP A 11 14.14 -18.57 17.48
C ASP A 11 13.35 -17.31 17.18
N LEU A 12 12.09 -17.48 16.70
CA LEU A 12 11.16 -16.41 16.37
C LEU A 12 10.69 -15.72 17.65
N ARG A 13 10.47 -16.50 18.73
CA ARG A 13 10.07 -15.98 20.04
C ARG A 13 11.20 -15.17 20.64
N ALA A 14 12.45 -15.64 20.43
CA ALA A 14 13.68 -14.99 20.87
C ALA A 14 13.86 -13.65 20.15
N LEU A 15 13.63 -13.62 18.81
CA LEU A 15 13.72 -12.41 17.99
C LEU A 15 12.68 -11.38 18.48
N ALA A 16 11.43 -11.85 18.71
CA ALA A 16 10.30 -11.04 19.21
C ALA A 16 10.65 -10.39 20.56
N LYS A 17 11.24 -11.19 21.49
CA LYS A 17 11.66 -10.76 22.83
C LYS A 17 12.77 -9.69 22.73
N HIS A 18 13.79 -9.94 21.90
CA HIS A 18 14.90 -9.03 21.65
C HIS A 18 14.39 -7.67 21.15
N LEU A 19 13.51 -7.68 20.13
CA LEU A 19 12.96 -6.46 19.52
C LEU A 19 12.12 -5.65 20.51
N TYR A 20 11.28 -6.31 21.27
CA TYR A 20 10.51 -5.64 22.28
C TYR A 20 11.35 -5.01 23.39
N ASP A 21 12.32 -5.74 23.90
CA ASP A 21 13.21 -5.25 24.94
C ASP A 21 13.94 -4.05 24.42
N SER A 22 14.37 -4.09 23.18
CA SER A 22 15.03 -3.08 22.48
CA SER A 22 15.00 -2.97 22.45
C SER A 22 14.24 -1.86 22.09
N TYR A 23 12.96 -2.04 21.88
CA TYR A 23 11.98 -0.99 21.72
C TYR A 23 11.71 -0.19 23.01
N ILE A 24 11.56 -0.88 24.14
CA ILE A 24 11.36 -0.25 25.46
C ILE A 24 12.53 0.70 25.78
N LYS A 25 13.76 0.30 25.42
CA LYS A 25 14.97 1.06 25.66
C LYS A 25 15.09 2.26 24.73
N SER A 26 14.50 2.19 23.53
CA SER A 26 14.62 3.27 22.54
C SER A 26 13.49 4.30 22.56
N PHE A 27 12.29 3.92 23.00
CA PHE A 27 11.15 4.82 22.98
C PHE A 27 10.63 5.09 24.39
N PRO A 28 10.92 6.29 24.96
CA PRO A 28 10.51 6.56 26.36
C PRO A 28 8.99 6.53 26.60
N LEU A 29 8.14 6.99 25.65
CA LEU A 29 6.69 6.98 25.84
C LEU A 29 6.08 5.87 24.97
N THR A 30 5.77 4.73 25.60
CA THR A 30 5.21 3.54 24.98
C THR A 30 3.69 3.69 24.82
N LYS A 31 3.06 2.74 24.08
CA LYS A 31 1.61 2.73 23.92
C LYS A 31 0.94 2.42 25.28
N ALA A 32 1.51 1.47 26.07
CA ALA A 32 1.00 1.10 27.40
C ALA A 32 0.95 2.35 28.34
N LYS A 33 1.99 3.20 28.34
CA LYS A 33 2.02 4.44 29.13
C LYS A 33 1.03 5.45 28.56
N ALA A 34 1.03 5.60 27.22
CA ALA A 34 0.11 6.50 26.53
C ALA A 34 -1.38 6.17 26.82
N ARG A 35 -1.77 4.87 26.81
CA ARG A 35 -3.14 4.42 27.08
CA ARG A 35 -3.15 4.45 27.07
C ARG A 35 -3.50 4.63 28.53
N ALA A 36 -2.51 4.49 29.45
CA ALA A 36 -2.72 4.69 30.88
C ALA A 36 -3.04 6.16 31.15
N ILE A 37 -2.36 7.08 30.44
CA ILE A 37 -2.59 8.53 30.54
C ILE A 37 -3.98 8.88 29.96
N LEU A 38 -4.29 8.42 28.77
CA LEU A 38 -5.53 8.71 28.11
C LEU A 38 -6.78 8.13 28.76
N THR A 39 -6.70 6.97 29.35
CA THR A 39 -7.88 6.38 29.92
C THR A 39 -8.04 6.80 31.35
N GLY A 40 -7.03 7.51 31.87
CA GLY A 40 -7.04 7.95 33.25
C GLY A 40 -6.70 6.88 34.27
N LYS A 41 -5.49 6.32 34.16
CA LYS A 41 -5.04 5.28 35.08
C LYS A 41 -4.17 5.81 36.22
N THR A 42 -4.06 5.03 37.29
CA THR A 42 -3.32 5.42 38.49
C THR A 42 -1.80 5.26 38.33
N THR A 43 -1.38 4.47 37.36
CA THR A 43 0.03 4.36 37.06
C THR A 43 0.48 5.73 36.55
N ASP A 44 -0.46 6.58 36.16
CA ASP A 44 -0.01 7.84 35.57
C ASP A 44 -0.88 9.05 35.81
N LYS A 45 -0.26 10.22 35.69
CA LYS A 45 -0.90 11.48 36.00
C LYS A 45 -1.65 12.03 34.80
N SER A 46 -2.56 12.96 35.07
CA SER A 46 -3.40 13.55 34.05
C SER A 46 -2.68 14.65 33.29
N PRO A 47 -2.93 14.73 32.00
CA PRO A 47 -2.32 15.78 31.16
C PRO A 47 -3.10 17.10 31.14
N PHE A 48 -2.40 18.19 30.81
CA PHE A 48 -3.01 19.50 30.64
C PHE A 48 -3.62 19.54 29.25
N VAL A 49 -4.88 19.93 29.12
CA VAL A 49 -5.57 19.89 27.83
C VAL A 49 -5.57 21.28 27.13
N ILE A 50 -5.14 21.26 25.86
CA ILE A 50 -5.10 22.43 24.97
C ILE A 50 -6.20 22.23 23.96
N TYR A 51 -7.24 23.07 24.01
CA TYR A 51 -8.40 23.01 23.10
C TYR A 51 -8.67 24.38 22.43
N ASP A 52 -8.01 25.45 22.90
CA ASP A 52 -8.14 26.80 22.35
C ASP A 52 -6.88 27.63 22.65
N MET A 53 -6.86 28.88 22.16
CA MET A 53 -5.75 29.83 22.30
C MET A 53 -5.39 30.12 23.76
N ASN A 54 -6.40 30.27 24.63
CA ASN A 54 -6.20 30.58 26.05
C ASN A 54 -5.53 29.41 26.78
N SER A 55 -6.06 28.17 26.58
CA SER A 55 -5.49 26.96 27.18
C SER A 55 -4.08 26.70 26.63
N LEU A 56 -3.80 27.12 25.39
CA LEU A 56 -2.48 27.01 24.75
C LEU A 56 -1.48 27.92 25.47
N MET A 57 -1.87 29.16 25.81
CA MET A 57 -1.01 30.14 26.49
C MET A 57 -0.74 29.69 27.94
N MET A 58 -1.78 29.20 28.60
CA MET A 58 -1.67 28.73 29.97
C MET A 58 -0.88 27.48 29.95
N GLY A 59 -1.12 26.71 28.90
CA GLY A 59 -0.48 25.44 28.73
C GLY A 59 1.01 25.61 28.63
N GLU A 60 1.47 26.66 27.99
CA GLU A 60 2.90 26.90 27.89
C GLU A 60 3.50 27.07 29.29
N ASP A 61 2.76 27.77 30.14
CA ASP A 61 3.21 28.00 31.50
C ASP A 61 3.24 26.71 32.28
N LYS A 62 2.21 25.90 32.15
CA LYS A 62 2.19 24.60 32.82
C LYS A 62 3.22 23.61 32.33
N ILE A 63 3.42 23.59 31.02
CA ILE A 63 4.18 22.54 30.37
C ILE A 63 5.62 22.94 30.16
N LYS A 76 6.88 33.30 16.49
CA LYS A 76 5.94 33.75 15.47
C LYS A 76 4.46 33.49 15.91
N GLU A 77 3.56 33.28 14.97
CA GLU A 77 2.15 33.01 15.26
C GLU A 77 1.91 31.61 15.83
N VAL A 78 0.75 31.39 16.42
CA VAL A 78 0.38 30.15 17.08
C VAL A 78 0.54 28.92 16.15
N ALA A 79 -0.07 28.96 14.96
CA ALA A 79 -0.04 27.87 13.97
C ALA A 79 1.37 27.45 13.60
N ILE A 80 2.28 28.43 13.41
CA ILE A 80 3.68 28.18 13.06
C ILE A 80 4.41 27.62 14.28
N ARG A 81 4.12 28.15 15.45
CA ARG A 81 4.74 27.71 16.68
C ARG A 81 4.43 26.25 16.97
N ILE A 82 3.19 25.86 16.76
CA ILE A 82 2.78 24.49 16.90
C ILE A 82 3.41 23.58 15.87
N PHE A 83 3.47 24.06 14.65
CA PHE A 83 4.07 23.29 13.59
C PHE A 83 5.53 23.01 13.85
N GLN A 84 6.25 23.99 14.34
CA GLN A 84 7.67 23.85 14.71
C GLN A 84 7.84 22.91 15.91
N GLY A 85 6.86 22.87 16.80
CA GLY A 85 6.83 21.96 17.95
C GLY A 85 6.75 20.52 17.50
N CYS A 86 5.94 20.26 16.44
CA CYS A 86 5.77 18.96 15.80
C CYS A 86 7.04 18.55 15.05
N GLN A 87 7.73 19.56 14.46
CA GLN A 87 8.99 19.36 13.73
C GLN A 87 10.09 18.94 14.70
N PHE A 88 10.16 19.56 15.90
CA PHE A 88 11.15 19.19 16.90
C PHE A 88 10.90 17.77 17.42
N ARG A 89 9.63 17.40 17.65
CA ARG A 89 9.30 16.04 18.12
C ARG A 89 9.65 15.03 17.03
N SER A 90 9.40 15.37 15.74
CA SER A 90 9.75 14.51 14.59
C SER A 90 11.27 14.23 14.57
N VAL A 91 12.12 15.25 14.83
CA VAL A 91 13.59 15.13 14.90
C VAL A 91 13.96 14.14 16.00
N GLU A 92 13.35 14.32 17.19
CA GLU A 92 13.57 13.44 18.33
C GLU A 92 13.19 12.01 17.99
N ALA A 93 12.03 11.83 17.33
CA ALA A 93 11.52 10.52 16.92
C ALA A 93 12.49 9.85 15.94
N VAL A 94 13.03 10.62 14.96
CA VAL A 94 14.02 10.12 13.99
C VAL A 94 15.22 9.53 14.72
N GLN A 95 15.68 10.22 15.79
CA GLN A 95 16.81 9.83 16.64
C GLN A 95 16.54 8.51 17.36
N GLU A 96 15.32 8.37 17.90
CA GLU A 96 14.88 7.18 18.61
C GLU A 96 14.76 5.99 17.66
N ILE A 97 14.18 6.23 16.44
CA ILE A 97 14.02 5.18 15.41
C ILE A 97 15.40 4.71 14.93
N THR A 98 16.33 5.65 14.71
CA THR A 98 17.70 5.32 14.27
C THR A 98 18.38 4.38 15.29
N GLU A 99 18.24 4.69 16.59
CA GLU A 99 18.83 3.88 17.66
C GLU A 99 18.17 2.50 17.68
N TYR A 100 16.85 2.45 17.49
CA TYR A 100 16.11 1.18 17.46
C TYR A 100 16.56 0.32 16.27
N ALA A 101 16.69 0.90 15.06
CA ALA A 101 17.11 0.23 13.82
C ALA A 101 18.43 -0.53 13.99
N LYS A 102 19.41 0.12 14.65
CA LYS A 102 20.72 -0.46 14.95
C LYS A 102 20.64 -1.78 15.72
N SER A 103 19.56 -1.97 16.52
CA SER A 103 19.35 -3.21 17.27
C SER A 103 18.68 -4.32 16.42
N ILE A 104 18.16 -4.01 15.22
CA ILE A 104 17.52 -5.08 14.41
C ILE A 104 18.64 -6.00 13.88
N PRO A 105 18.61 -7.33 14.18
CA PRO A 105 19.70 -8.21 13.71
C PRO A 105 19.93 -8.13 12.21
N GLY A 106 21.18 -7.85 11.84
CA GLY A 106 21.63 -7.75 10.46
C GLY A 106 21.64 -6.35 9.88
N PHE A 107 20.86 -5.41 10.48
CA PHE A 107 20.77 -4.04 9.98
C PHE A 107 22.15 -3.34 9.88
N VAL A 108 22.96 -3.37 10.97
CA VAL A 108 24.25 -2.67 11.01
C VAL A 108 25.29 -3.33 10.07
N ASN A 109 25.03 -4.58 9.63
CA ASN A 109 25.90 -5.34 8.73
C ASN A 109 25.61 -5.01 7.25
N LEU A 110 24.52 -4.27 6.99
CA LEU A 110 24.18 -3.90 5.62
C LEU A 110 25.08 -2.77 5.17
N ASP A 111 25.17 -2.58 3.84
CA ASP A 111 25.85 -1.48 3.17
C ASP A 111 25.40 -0.17 3.83
N LEU A 112 26.35 0.70 4.19
CA LEU A 112 26.09 1.98 4.86
C LEU A 112 25.09 2.85 4.09
N ASN A 113 25.18 2.91 2.74
CA ASN A 113 24.24 3.71 1.93
C ASN A 113 22.81 3.16 2.02
N ASP A 114 22.66 1.83 2.09
CA ASP A 114 21.38 1.13 2.20
C ASP A 114 20.75 1.42 3.58
N GLN A 115 21.56 1.38 4.67
CA GLN A 115 21.14 1.74 6.03
C GLN A 115 20.52 3.14 6.04
N VAL A 116 21.20 4.12 5.41
CA VAL A 116 20.76 5.52 5.27
C VAL A 116 19.45 5.55 4.47
N THR A 117 19.37 4.82 3.34
CA THR A 117 18.19 4.74 2.47
C THR A 117 16.98 4.15 3.24
N LEU A 118 17.19 3.03 3.97
CA LEU A 118 16.14 2.40 4.76
C LEU A 118 15.59 3.34 5.84
N LEU A 119 16.49 4.11 6.50
CA LEU A 119 16.06 5.06 7.52
C LEU A 119 15.39 6.28 6.87
N LYS A 120 15.95 6.80 5.77
CA LYS A 120 15.42 7.96 5.04
C LYS A 120 13.93 7.77 4.69
N TYR A 121 13.57 6.60 4.14
CA TYR A 121 12.20 6.33 3.74
C TYR A 121 11.34 5.75 4.87
N GLY A 122 11.94 4.97 5.76
CA GLY A 122 11.24 4.31 6.85
C GLY A 122 10.73 5.14 8.01
N VAL A 123 11.43 6.19 8.38
CA VAL A 123 11.11 6.89 9.62
C VAL A 123 9.72 7.49 9.66
N HIS A 124 9.28 8.11 8.59
CA HIS A 124 7.97 8.68 8.59
C HIS A 124 6.88 7.69 8.74
N GLU A 125 7.01 6.57 8.07
CA GLU A 125 6.04 5.53 8.21
C GLU A 125 5.97 5.07 9.66
N ILE A 126 7.12 5.02 10.33
CA ILE A 126 7.19 4.64 11.73
C ILE A 126 6.65 5.78 12.63
N ILE A 127 6.94 7.04 12.28
CA ILE A 127 6.47 8.21 13.04
C ILE A 127 4.94 8.18 13.13
N TYR A 128 4.22 7.95 12.00
CA TYR A 128 2.76 7.93 11.98
C TYR A 128 2.20 6.68 12.64
N THR A 129 2.92 5.55 12.56
CA THR A 129 2.53 4.32 13.25
C THR A 129 2.53 4.56 14.79
N MET A 130 3.61 5.17 15.28
CA MET A 130 3.81 5.41 16.71
C MET A 130 2.96 6.59 17.21
N LEU A 131 2.64 7.55 16.33
CA LEU A 131 1.79 8.68 16.64
C LEU A 131 0.37 8.19 16.97
N ALA A 132 -0.09 7.11 16.29
CA ALA A 132 -1.39 6.46 16.55
C ALA A 132 -1.51 6.01 18.01
N SER A 133 -0.41 5.52 18.60
CA SER A 133 -0.34 5.09 20.00
C SER A 133 -0.64 6.24 20.97
N LEU A 134 -0.35 7.49 20.56
CA LEU A 134 -0.50 8.70 21.37
C LEU A 134 -1.84 9.42 21.10
N MET A 135 -2.64 8.88 20.18
CA MET A 135 -3.90 9.45 19.73
C MET A 135 -5.13 8.66 20.09
N ASN A 136 -6.27 9.36 20.08
CA ASN A 136 -7.63 8.84 20.15
C ASN A 136 -8.41 9.73 19.18
N LYS A 137 -9.73 9.52 19.04
CA LYS A 137 -10.53 10.31 18.08
C LYS A 137 -10.61 11.80 18.47
N ASP A 138 -10.28 12.14 19.74
CA ASP A 138 -10.41 13.51 20.25
C ASP A 138 -9.13 14.33 20.25
N GLY A 139 -7.97 13.68 20.32
CA GLY A 139 -6.72 14.41 20.37
C GLY A 139 -5.45 13.59 20.46
N VAL A 140 -4.32 14.30 20.69
CA VAL A 140 -3.02 13.65 20.75
C VAL A 140 -2.22 14.09 21.98
N LEU A 141 -1.54 13.12 22.63
CA LEU A 141 -0.64 13.34 23.75
C LEU A 141 0.64 14.01 23.25
N ILE A 142 1.04 15.13 23.88
CA ILE A 142 2.24 15.90 23.53
C ILE A 142 3.18 16.04 24.76
N SER A 143 4.46 16.37 24.52
CA SER A 143 5.55 16.56 25.51
C SER A 143 5.61 15.43 26.56
N GLU A 144 5.91 14.20 26.11
CA GLU A 144 6.02 12.98 26.91
C GLU A 144 4.73 12.71 27.75
N GLY A 145 3.57 13.03 27.20
CA GLY A 145 2.27 12.83 27.84
C GLY A 145 1.86 13.87 28.87
N GLN A 146 2.61 14.97 29.02
CA GLN A 146 2.30 16.07 29.94
C GLN A 146 1.12 16.90 29.44
N GLY A 147 0.97 16.95 28.12
CA GLY A 147 -0.09 17.70 27.47
C GLY A 147 -0.97 16.84 26.59
N PHE A 148 -2.11 17.39 26.19
CA PHE A 148 -3.05 16.74 25.29
C PHE A 148 -3.67 17.81 24.40
N MET A 149 -3.26 17.85 23.13
CA MET A 149 -3.80 18.82 22.19
C MET A 149 -4.97 18.19 21.45
N THR A 150 -6.12 18.88 21.45
CA THR A 150 -7.34 18.37 20.83
C THR A 150 -7.28 18.47 19.31
N ARG A 151 -7.97 17.55 18.66
CA ARG A 151 -8.08 17.46 17.24
C ARG A 151 -8.79 18.66 16.65
N GLU A 152 -9.86 19.07 17.29
CA GLU A 152 -10.65 20.23 16.86
C GLU A 152 -9.81 21.51 16.89
N PHE A 153 -8.98 21.70 17.89
CA PHE A 153 -8.12 22.85 17.92
C PHE A 153 -7.09 22.85 16.81
N LEU A 154 -6.43 21.73 16.61
CA LEU A 154 -5.47 21.57 15.51
C LEU A 154 -6.15 21.83 14.15
N LYS A 155 -7.41 21.39 13.99
CA LYS A 155 -8.19 21.59 12.77
C LYS A 155 -8.60 23.07 12.63
N SER A 156 -8.70 23.77 13.71
CA SER A 156 -9.03 25.18 13.68
C SER A 156 -7.90 26.05 13.18
N LEU A 157 -6.71 25.52 13.05
CA LEU A 157 -5.58 26.33 12.62
C LEU A 157 -5.76 26.84 11.21
N ARG A 158 -5.17 27.97 10.94
CA ARG A 158 -5.31 28.56 9.64
C ARG A 158 -4.56 27.79 8.60
N LYS A 159 -5.08 27.81 7.39
CA LYS A 159 -4.55 27.01 6.33
C LYS A 159 -3.15 27.44 6.11
N PRO A 160 -2.28 26.49 5.77
CA PRO A 160 -2.64 25.09 5.49
C PRO A 160 -2.46 24.18 6.69
N PHE A 161 -2.11 24.79 7.80
CA PHE A 161 -1.81 24.10 9.03
C PHE A 161 -2.97 23.30 9.61
N GLY A 162 -4.18 23.71 9.33
CA GLY A 162 -5.34 22.99 9.79
C GLY A 162 -5.43 21.60 9.21
N ASP A 163 -4.84 21.41 8.05
CA ASP A 163 -4.95 20.14 7.37
C ASP A 163 -3.84 19.16 7.64
N PHE A 164 -2.89 19.58 8.43
CA PHE A 164 -1.69 18.79 8.71
C PHE A 164 -1.92 17.53 9.55
N MET A 165 -2.65 17.61 10.66
CA MET A 165 -2.83 16.46 11.55
C MET A 165 -4.09 15.62 11.27
N GLU A 166 -5.10 16.19 10.57
CA GLU A 166 -6.36 15.49 10.31
C GLU A 166 -6.18 14.10 9.62
N PRO A 167 -5.41 13.94 8.50
CA PRO A 167 -5.24 12.59 7.93
C PRO A 167 -4.56 11.59 8.88
N LYS A 168 -3.70 12.08 9.81
CA LYS A 168 -3.01 11.26 10.82
C LYS A 168 -4.03 10.73 11.83
N PHE A 169 -4.99 11.59 12.28
CA PHE A 169 -6.07 11.21 13.19
C PHE A 169 -6.98 10.16 12.55
N GLU A 170 -7.29 10.34 11.25
CA GLU A 170 -8.11 9.44 10.44
C GLU A 170 -7.46 8.06 10.36
N PHE A 171 -6.13 8.04 10.16
CA PHE A 171 -5.37 6.79 10.12
C PHE A 171 -5.33 6.13 11.50
N ALA A 172 -5.04 6.92 12.55
CA ALA A 172 -4.92 6.44 13.93
C ALA A 172 -6.18 5.77 14.42
N VAL A 173 -7.37 6.34 14.11
CA VAL A 173 -8.65 5.77 14.54
C VAL A 173 -8.80 4.34 13.98
N LYS A 174 -8.47 4.16 12.70
CA LYS A 174 -8.53 2.86 12.01
C LYS A 174 -7.47 1.90 12.55
N PHE A 175 -6.20 2.36 12.63
CA PHE A 175 -5.07 1.56 13.12
C PHE A 175 -5.25 1.13 14.56
N ASN A 176 -5.78 2.02 15.43
CA ASN A 176 -5.98 1.71 16.84
C ASN A 176 -7.05 0.64 17.06
N ALA A 177 -7.96 0.45 16.09
CA ALA A 177 -9.02 -0.57 16.14
C ALA A 177 -8.43 -2.00 16.07
N LEU A 178 -7.16 -2.14 15.61
CA LEU A 178 -6.46 -3.43 15.53
C LEU A 178 -6.03 -3.89 16.93
N GLU A 179 -6.02 -2.97 17.90
CA GLU A 179 -5.70 -3.17 19.32
C GLU A 179 -4.32 -3.85 19.52
N LEU A 180 -3.31 -3.38 18.77
CA LEU A 180 -1.96 -3.90 18.90
C LEU A 180 -1.29 -3.35 20.15
N ASP A 181 -0.39 -4.12 20.74
CA ASP A 181 0.36 -3.63 21.91
C ASP A 181 1.82 -3.35 21.47
N ASP A 182 2.65 -2.86 22.39
CA ASP A 182 4.04 -2.49 22.15
C ASP A 182 4.88 -3.66 21.61
N SER A 183 4.68 -4.88 22.12
CA SER A 183 5.38 -6.08 21.65
C SER A 183 5.03 -6.40 20.19
N ASP A 184 3.79 -6.13 19.78
CA ASP A 184 3.37 -6.31 18.38
C ASP A 184 4.03 -5.23 17.51
N LEU A 185 3.95 -3.96 17.96
CA LEU A 185 4.47 -2.78 17.27
C LEU A 185 5.99 -2.85 17.05
N ALA A 186 6.75 -3.37 18.05
CA ALA A 186 8.21 -3.54 17.98
C ALA A 186 8.62 -4.33 16.71
N ILE A 187 7.92 -5.46 16.42
CA ILE A 187 8.21 -6.27 15.21
C ILE A 187 7.70 -5.57 13.95
N PHE A 188 6.51 -4.96 14.00
CA PHE A 188 5.91 -4.27 12.86
C PHE A 188 6.80 -3.15 12.36
N ILE A 189 7.36 -2.30 13.25
CA ILE A 189 8.22 -1.19 12.84
C ILE A 189 9.59 -1.71 12.31
N ALA A 190 10.04 -2.87 12.80
CA ALA A 190 11.25 -3.53 12.28
C ALA A 190 11.00 -3.97 10.82
N VAL A 191 9.81 -4.55 10.54
CA VAL A 191 9.38 -4.97 9.20
C VAL A 191 9.36 -3.76 8.26
N ILE A 192 8.84 -2.61 8.74
CA ILE A 192 8.77 -1.36 7.97
C ILE A 192 10.17 -0.93 7.56
N ILE A 193 11.14 -0.88 8.51
CA ILE A 193 12.53 -0.44 8.25
C ILE A 193 13.17 -1.29 7.13
N LEU A 194 13.06 -2.61 7.23
CA LEU A 194 13.68 -3.53 6.30
C LEU A 194 12.82 -3.75 5.04
N SER A 195 12.41 -2.68 4.37
CA SER A 195 11.62 -2.72 3.13
C SER A 195 12.60 -2.71 1.95
N GLY A 196 12.68 -3.81 1.24
CA GLY A 196 13.57 -3.96 0.09
C GLY A 196 13.15 -3.21 -1.17
N ASP A 197 12.00 -2.54 -1.15
CA ASP A 197 11.49 -1.82 -2.32
C ASP A 197 11.78 -0.32 -2.26
N ARG A 198 12.64 0.14 -1.35
CA ARG A 198 12.98 1.56 -1.27
C ARG A 198 13.81 1.98 -2.48
N PRO A 199 13.56 3.18 -3.08
CA PRO A 199 14.36 3.57 -4.25
C PRO A 199 15.82 3.88 -3.88
N GLY A 200 16.73 3.39 -4.73
CA GLY A 200 18.16 3.62 -4.59
C GLY A 200 18.93 2.59 -3.79
N LEU A 201 18.30 1.43 -3.44
CA LEU A 201 18.98 0.37 -2.68
C LEU A 201 19.99 -0.35 -3.59
N LEU A 202 21.16 -0.70 -3.03
CA LEU A 202 22.23 -1.34 -3.79
C LEU A 202 22.17 -2.87 -3.66
N ASN A 203 21.84 -3.41 -2.46
CA ASN A 203 21.76 -4.86 -2.24
CA ASN A 203 21.75 -4.86 -2.26
C ASN A 203 20.44 -5.20 -1.53
N VAL A 204 19.39 -5.48 -2.31
CA VAL A 204 18.03 -5.78 -1.84
C VAL A 204 17.95 -7.16 -1.15
N LYS A 205 18.70 -8.16 -1.59
CA LYS A 205 18.54 -9.46 -0.99
C LYS A 205 18.84 -9.63 0.51
N PRO A 206 19.93 -9.10 1.08
CA PRO A 206 20.06 -9.24 2.56
C PRO A 206 18.98 -8.47 3.32
N ILE A 207 18.43 -7.39 2.74
CA ILE A 207 17.32 -6.64 3.33
C ILE A 207 16.06 -7.53 3.39
N GLU A 208 15.68 -8.12 2.24
CA GLU A 208 14.51 -9.02 2.11
C GLU A 208 14.70 -10.27 2.97
N ASP A 209 15.95 -10.74 3.12
CA ASP A 209 16.27 -11.90 3.95
C ASP A 209 15.95 -11.61 5.41
N ILE A 210 16.32 -10.40 5.90
CA ILE A 210 16.04 -10.00 7.29
C ILE A 210 14.52 -9.81 7.45
N GLN A 211 13.86 -9.11 6.49
CA GLN A 211 12.42 -8.86 6.54
C GLN A 211 11.62 -10.15 6.59
N ASP A 212 12.06 -11.21 5.87
CA ASP A 212 11.43 -12.53 5.86
CA ASP A 212 11.35 -12.49 5.88
C ASP A 212 11.35 -13.08 7.28
N ASN A 213 12.49 -13.01 8.01
CA ASN A 213 12.59 -13.48 9.40
C ASN A 213 11.72 -12.60 10.31
N LEU A 214 11.70 -11.26 10.06
CA LEU A 214 10.88 -10.31 10.81
C LEU A 214 9.38 -10.58 10.58
N LEU A 215 8.98 -10.85 9.32
CA LEU A 215 7.59 -11.17 8.95
C LEU A 215 7.16 -12.47 9.63
N GLN A 216 8.05 -13.48 9.65
CA GLN A 216 7.82 -14.75 10.34
C GLN A 216 7.60 -14.55 11.85
N ALA A 217 8.45 -13.71 12.48
CA ALA A 217 8.39 -13.40 13.91
C ALA A 217 7.10 -12.64 14.24
N LEU A 218 6.69 -11.71 13.34
CA LEU A 218 5.46 -10.92 13.50
C LEU A 218 4.23 -11.83 13.43
N GLU A 219 4.21 -12.76 12.50
CA GLU A 219 3.10 -13.69 12.32
C GLU A 219 2.88 -14.59 13.51
N LEU A 220 3.94 -15.12 14.08
CA LEU A 220 3.85 -15.94 15.28
C LEU A 220 3.42 -15.10 16.49
N GLN A 221 3.92 -13.85 16.57
CA GLN A 221 3.59 -12.91 17.65
C GLN A 221 2.10 -12.61 17.68
N LEU A 222 1.52 -12.27 16.52
CA LEU A 222 0.11 -11.93 16.36
C LEU A 222 -0.81 -13.14 16.64
N LYS A 223 -0.41 -14.34 16.18
CA LYS A 223 -1.17 -15.57 16.41
C LYS A 223 -1.20 -15.95 17.89
N LEU A 224 -0.10 -15.74 18.62
CA LEU A 224 0.00 -16.08 20.05
C LEU A 224 -0.59 -14.99 20.95
N ASN A 225 -0.40 -13.71 20.59
CA ASN A 225 -0.87 -12.56 21.37
C ASN A 225 -2.34 -12.24 21.11
N HIS A 226 -2.83 -12.49 19.87
CA HIS A 226 -4.22 -12.21 19.53
C HIS A 226 -4.81 -13.47 18.87
N PRO A 227 -5.03 -14.58 19.63
CA PRO A 227 -5.52 -15.83 19.00
C PRO A 227 -6.91 -15.72 18.38
N GLU A 228 -7.78 -14.93 19.02
CA GLU A 228 -9.10 -14.64 18.49
CA GLU A 228 -9.05 -14.64 18.48
C GLU A 228 -9.10 -13.83 17.20
N SER A 229 -8.19 -12.86 17.14
CA SER A 229 -8.16 -11.87 16.05
C SER A 229 -7.68 -12.51 14.74
N SER A 230 -8.67 -13.03 13.98
CA SER A 230 -8.45 -13.72 12.70
C SER A 230 -7.95 -12.75 11.62
N GLN A 231 -6.90 -13.20 10.92
CA GLN A 231 -6.20 -12.53 9.82
C GLN A 231 -5.69 -11.11 10.23
N LEU A 232 -5.27 -10.93 11.50
CA LEU A 232 -4.69 -9.68 11.99
C LEU A 232 -3.38 -9.38 11.25
N PHE A 233 -2.60 -10.43 10.94
CA PHE A 233 -1.35 -10.34 10.18
C PHE A 233 -1.59 -9.67 8.83
N ALA A 234 -2.52 -10.19 8.02
CA ALA A 234 -2.90 -9.61 6.71
C ALA A 234 -3.42 -8.18 6.88
N LYS A 235 -4.31 -7.95 7.88
CA LYS A 235 -4.92 -6.64 8.18
C LYS A 235 -3.85 -5.59 8.48
N LEU A 236 -2.80 -5.97 9.26
CA LEU A 236 -1.68 -5.10 9.62
C LEU A 236 -0.84 -4.76 8.39
N LEU A 237 -0.54 -5.76 7.52
CA LEU A 237 0.26 -5.53 6.30
C LEU A 237 -0.49 -4.60 5.31
N GLN A 238 -1.82 -4.65 5.34
CA GLN A 238 -2.67 -3.78 4.51
C GLN A 238 -2.57 -2.30 4.94
N LYS A 239 -2.28 -2.05 6.23
CA LYS A 239 -2.14 -0.69 6.81
C LYS A 239 -0.93 0.07 6.22
N MET A 240 -0.08 -0.63 5.51
CA MET A 240 0.99 0.01 4.81
C MET A 240 0.54 0.96 3.74
N THR A 241 -0.52 0.64 3.04
CA THR A 241 -0.96 1.55 2.01
C THR A 241 -1.39 2.85 2.60
N ASP A 242 -2.10 2.79 3.69
CA ASP A 242 -2.55 3.98 4.35
C ASP A 242 -1.38 4.79 4.86
N LEU A 243 -0.35 4.10 5.32
CA LEU A 243 0.79 4.78 5.85
C LEU A 243 1.50 5.49 4.75
N ARG A 244 1.71 4.81 3.64
CA ARG A 244 2.41 5.45 2.54
C ARG A 244 1.69 6.68 2.06
N GLN A 245 0.37 6.60 2.00
CA GLN A 245 -0.43 7.72 1.53
C GLN A 245 -0.33 8.92 2.42
N ILE A 246 -0.28 8.67 3.71
CA ILE A 246 -0.11 9.74 4.70
C ILE A 246 1.19 10.50 4.41
N VAL A 247 2.27 9.72 4.19
CA VAL A 247 3.62 10.23 3.90
C VAL A 247 3.59 11.10 2.62
N THR A 248 2.98 10.58 1.52
CA THR A 248 2.86 11.29 0.24
C THR A 248 2.14 12.65 0.42
N GLU A 249 1.02 12.66 1.13
CA GLU A 249 0.31 13.89 1.39
C GLU A 249 1.05 14.87 2.22
N HIS A 250 1.69 14.37 3.27
CA HIS A 250 2.47 15.22 4.17
C HIS A 250 3.56 16.00 3.42
N VAL A 251 4.27 15.29 2.50
CA VAL A 251 5.35 15.84 1.66
C VAL A 251 4.81 17.01 0.80
N GLN A 252 3.62 16.83 0.19
CA GLN A 252 2.97 17.85 -0.65
C GLN A 252 2.70 19.13 0.14
N LEU A 253 2.24 18.97 1.40
CA LEU A 253 1.90 20.07 2.30
C LEU A 253 3.13 20.90 2.72
N LEU A 254 4.32 20.27 2.93
CA LEU A 254 5.55 20.98 3.31
C LEU A 254 6.07 21.84 2.15
N GLN A 255 5.84 21.39 0.90
CA GLN A 255 6.24 22.09 -0.32
C GLN A 255 5.48 23.42 -0.40
N VAL A 256 4.22 23.41 -0.03
CA VAL A 256 3.44 24.61 0.00
C VAL A 256 3.99 25.58 1.02
N ILE A 257 4.33 25.07 2.19
CA ILE A 257 4.87 25.90 3.24
C ILE A 257 6.21 26.52 2.85
N LYS A 258 7.07 25.70 2.30
CA LYS A 258 8.39 26.11 1.77
C LYS A 258 8.29 27.34 0.86
N LYS A 259 7.22 27.43 0.03
CA LYS A 259 6.98 28.51 -0.91
C LYS A 259 6.22 29.68 -0.26
N THR A 260 5.28 29.41 0.66
CA THR A 260 4.50 30.48 1.31
C THR A 260 5.25 31.09 2.52
N GLU A 261 5.88 30.23 3.37
CA GLU A 261 6.63 30.66 4.56
C GLU A 261 8.14 30.52 4.30
N THR A 262 8.70 31.46 3.49
CA THR A 262 10.12 31.47 3.09
C THR A 262 11.07 31.90 4.24
N ASP A 263 10.52 32.34 5.39
CA ASP A 263 11.28 32.74 6.57
C ASP A 263 11.35 31.59 7.58
N MET A 264 10.52 30.55 7.40
CA MET A 264 10.43 29.39 8.28
C MET A 264 11.47 28.36 7.87
N SER A 265 12.29 27.94 8.85
CA SER A 265 13.40 27.00 8.64
C SER A 265 13.07 25.59 9.13
N LEU A 266 13.51 24.59 8.34
CA LEU A 266 13.33 23.16 8.61
C LEU A 266 14.67 22.56 9.06
N HIS A 267 14.65 21.76 10.15
CA HIS A 267 15.81 21.11 10.76
C HIS A 267 16.66 20.34 9.71
N PRO A 268 18.01 20.36 9.80
CA PRO A 268 18.82 19.68 8.76
C PRO A 268 18.51 18.18 8.59
N LEU A 269 18.27 17.46 9.71
CA LEU A 269 17.93 16.04 9.76
C LEU A 269 16.64 15.77 8.97
N LEU A 270 15.61 16.64 9.15
CA LEU A 270 14.32 16.53 8.47
C LEU A 270 14.45 16.87 6.99
N GLN A 271 15.21 17.95 6.66
CA GLN A 271 15.50 18.42 5.30
C GLN A 271 16.14 17.29 4.45
N GLU A 272 17.05 16.53 5.07
CA GLU A 272 17.76 15.42 4.44
C GLU A 272 16.82 14.24 4.19
N ILE A 273 15.89 13.96 5.12
CA ILE A 273 14.92 12.88 5.02
C ILE A 273 13.86 13.23 3.97
N TYR A 274 13.29 14.45 4.01
CA TYR A 274 12.24 14.92 3.13
C TYR A 274 12.71 15.15 1.68
N LYS A 275 13.86 15.75 1.46
CA LYS A 275 14.26 15.90 0.08
C LYS A 275 15.43 15.05 -0.25
N ASP A 276 15.18 14.06 -1.09
CA ASP A 276 13.85 13.96 -1.63
C ASP A 276 13.29 12.58 -1.71
N LEU A 277 11.98 12.49 -1.58
CA LEU A 277 11.32 11.23 -1.57
C LEU A 277 10.63 10.94 -2.89
N GLU B 8 -12.14 -27.70 7.90
CA GLU B 8 -11.83 -26.35 7.43
C GLU B 8 -10.79 -26.41 6.32
N SER B 9 -9.74 -27.18 6.52
CA SER B 9 -8.66 -27.36 5.54
C SER B 9 -9.20 -27.85 4.19
N ALA B 10 -10.10 -28.84 4.21
CA ALA B 10 -10.75 -29.38 3.01
C ALA B 10 -11.72 -28.36 2.42
N ASP B 11 -12.31 -27.48 3.28
CA ASP B 11 -13.22 -26.41 2.89
C ASP B 11 -12.46 -25.29 2.16
N LEU B 12 -11.22 -25.01 2.62
CA LEU B 12 -10.33 -24.01 2.04
C LEU B 12 -9.82 -24.49 0.68
N ARG B 13 -9.52 -25.76 0.55
CA ARG B 13 -9.16 -26.33 -0.73
C ARG B 13 -10.30 -26.31 -1.71
N ALA B 14 -11.50 -26.58 -1.24
CA ALA B 14 -12.73 -26.54 -2.02
C ALA B 14 -12.94 -25.13 -2.56
N LEU B 15 -12.78 -24.10 -1.69
CA LEU B 15 -12.93 -22.69 -2.06
C LEU B 15 -11.89 -22.33 -3.14
N ALA B 16 -10.62 -22.76 -2.95
CA ALA B 16 -9.51 -22.56 -3.88
C ALA B 16 -9.83 -23.16 -5.27
N LYS B 17 -10.36 -24.40 -5.28
CA LYS B 17 -10.74 -25.14 -6.49
C LYS B 17 -11.89 -24.42 -7.23
N HIS B 18 -12.90 -24.01 -6.52
CA HIS B 18 -14.00 -23.29 -7.09
C HIS B 18 -13.60 -21.97 -7.72
N LEU B 19 -12.78 -21.18 -7.03
CA LEU B 19 -12.30 -19.91 -7.54
C LEU B 19 -11.45 -20.08 -8.80
N TYR B 20 -10.56 -21.10 -8.81
CA TYR B 20 -9.72 -21.40 -9.98
C TYR B 20 -10.59 -21.80 -11.18
N ASP B 21 -11.58 -22.67 -10.97
CA ASP B 21 -12.53 -23.13 -12.01
C ASP B 21 -13.26 -21.93 -12.63
N SER B 22 -13.72 -21.01 -11.78
CA SER B 22 -14.45 -19.81 -12.18
C SER B 22 -13.56 -18.77 -12.89
N TYR B 23 -12.28 -18.69 -12.49
CA TYR B 23 -11.26 -17.81 -13.08
C TYR B 23 -10.99 -18.27 -14.53
N ILE B 24 -10.88 -19.58 -14.77
CA ILE B 24 -10.63 -20.17 -16.11
C ILE B 24 -11.81 -19.82 -17.05
N LYS B 25 -13.04 -19.87 -16.53
CA LYS B 25 -14.25 -19.58 -17.28
C LYS B 25 -14.42 -18.09 -17.55
N SER B 26 -13.90 -17.21 -16.69
CA SER B 26 -14.07 -15.76 -16.82
C SER B 26 -12.97 -15.06 -17.60
N PHE B 27 -11.76 -15.57 -17.62
CA PHE B 27 -10.69 -14.91 -18.34
C PHE B 27 -10.16 -15.82 -19.41
N PRO B 28 -10.36 -15.43 -20.67
CA PRO B 28 -9.94 -16.30 -21.79
C PRO B 28 -8.42 -16.56 -21.87
N LEU B 29 -7.58 -15.55 -21.60
CA LEU B 29 -6.13 -15.69 -21.65
C LEU B 29 -5.52 -15.76 -20.24
N THR B 30 -5.15 -16.96 -19.84
CA THR B 30 -4.53 -17.29 -18.58
C THR B 30 -3.04 -17.05 -18.50
N LYS B 31 -2.47 -17.00 -17.30
CA LYS B 31 -1.04 -16.83 -17.17
C LYS B 31 -0.31 -18.03 -17.81
N ALA B 32 -0.81 -19.27 -17.61
CA ALA B 32 -0.23 -20.51 -18.18
C ALA B 32 -0.16 -20.43 -19.71
N LYS B 33 -1.24 -19.98 -20.36
CA LYS B 33 -1.31 -19.78 -21.80
C LYS B 33 -0.39 -18.63 -22.21
N ALA B 34 -0.43 -17.49 -21.50
CA ALA B 34 0.41 -16.31 -21.73
C ALA B 34 1.90 -16.66 -21.69
N ARG B 35 2.31 -17.43 -20.70
CA ARG B 35 3.68 -17.90 -20.56
C ARG B 35 4.11 -18.84 -21.68
N ALA B 36 3.20 -19.69 -22.15
CA ALA B 36 3.48 -20.57 -23.23
C ALA B 36 3.79 -19.74 -24.45
N ILE B 37 3.02 -18.71 -24.68
CA ILE B 37 3.26 -17.87 -25.83
C ILE B 37 4.56 -17.13 -25.73
N LEU B 38 4.85 -16.56 -24.59
CA LEU B 38 6.03 -15.74 -24.43
C LEU B 38 7.33 -16.51 -24.58
N THR B 39 7.34 -17.73 -24.13
CA THR B 39 8.52 -18.55 -24.29
C THR B 39 8.60 -19.33 -25.60
N GLY B 40 7.61 -20.13 -25.91
CA GLY B 40 7.63 -20.96 -27.08
C GLY B 40 6.82 -22.13 -26.62
N LYS B 41 5.73 -22.42 -27.31
CA LYS B 41 4.86 -23.47 -26.84
C LYS B 41 3.42 -23.20 -27.18
N SER B 46 2.52 -18.17 -33.23
CA SER B 46 3.08 -17.12 -32.44
C SER B 46 2.36 -15.80 -32.67
N PRO B 47 2.70 -14.81 -31.87
CA PRO B 47 2.09 -13.49 -31.92
C PRO B 47 2.81 -12.56 -32.84
N PHE B 48 2.11 -11.58 -33.36
CA PHE B 48 2.71 -10.61 -34.25
C PHE B 48 3.32 -9.49 -33.43
N VAL B 49 4.59 -9.19 -33.67
CA VAL B 49 5.32 -8.26 -32.80
C VAL B 49 5.28 -6.83 -33.36
N ILE B 50 4.91 -5.89 -32.46
CA ILE B 50 4.85 -4.47 -32.73
C ILE B 50 5.99 -3.86 -31.97
N TYR B 51 7.01 -3.41 -32.71
CA TYR B 51 8.25 -2.86 -32.19
C TYR B 51 8.52 -1.44 -32.71
N ASP B 52 7.79 -1.01 -33.76
CA ASP B 52 7.93 0.32 -34.39
C ASP B 52 6.65 0.70 -35.16
N MET B 53 6.64 1.89 -35.78
CA MET B 53 5.52 2.46 -36.54
C MET B 53 5.07 1.57 -37.70
N ASN B 54 6.00 0.97 -38.46
CA ASN B 54 5.67 0.14 -39.61
C ASN B 54 5.03 -1.19 -39.19
N SER B 55 5.56 -1.83 -38.14
CA SER B 55 5.00 -3.08 -37.61
C SER B 55 3.62 -2.81 -36.96
N LEU B 56 3.46 -1.62 -36.37
CA LEU B 56 2.19 -1.23 -35.80
C LEU B 56 1.09 -1.13 -36.83
N MET B 57 1.38 -0.46 -37.93
CA MET B 57 0.44 -0.35 -39.02
C MET B 57 0.12 -1.69 -39.62
N MET B 58 1.11 -2.53 -39.81
CA MET B 58 0.86 -3.84 -40.31
C MET B 58 0.04 -4.67 -39.35
N GLY B 59 0.37 -4.54 -38.09
CA GLY B 59 -0.29 -5.21 -36.98
C GLY B 59 -1.77 -4.89 -36.88
N GLU B 60 -2.13 -3.62 -37.16
CA GLU B 60 -3.51 -3.14 -37.19
C GLU B 60 -4.34 -3.83 -38.30
N ASP B 61 -3.65 -4.52 -39.25
CA ASP B 61 -4.24 -5.28 -40.37
C ASP B 61 -4.25 -6.79 -40.11
N LYS B 62 -3.21 -7.29 -39.38
CA LYS B 62 -3.05 -8.71 -39.07
C LYS B 62 -3.83 -9.09 -37.80
N ILE B 63 -3.66 -8.32 -36.70
CA ILE B 63 -4.31 -8.59 -35.42
C ILE B 63 -5.78 -8.11 -35.47
N LYS B 64 -6.67 -8.90 -34.81
CA LYS B 64 -8.10 -8.63 -34.70
C LYS B 64 -8.36 -7.52 -33.65
N PHE B 65 -8.40 -6.25 -34.12
CA PHE B 65 -8.69 -5.07 -33.30
C PHE B 65 -10.11 -4.63 -33.52
N LYS B 66 -10.76 -4.20 -32.44
CA LYS B 66 -12.08 -3.65 -32.50
CA LYS B 66 -12.15 -3.71 -32.50
C LYS B 66 -12.26 -2.20 -32.16
N HIS B 67 -11.17 -1.51 -31.90
CA HIS B 67 -11.19 -0.10 -31.52
C HIS B 67 -10.88 0.89 -32.67
N ILE B 68 -10.53 0.40 -33.87
CA ILE B 68 -10.15 1.30 -34.97
C ILE B 68 -11.39 1.76 -35.79
N THR B 69 -11.51 3.11 -35.94
CA THR B 69 -12.55 3.81 -36.71
C THR B 69 -12.34 3.54 -38.21
N LYS B 76 -6.24 9.89 -36.72
CA LYS B 76 -5.81 9.83 -35.33
C LYS B 76 -4.35 9.36 -35.22
N GLU B 77 -3.50 10.13 -34.49
CA GLU B 77 -2.08 9.81 -34.30
C GLU B 77 -1.90 8.51 -33.48
N VAL B 78 -0.84 7.77 -33.81
CA VAL B 78 -0.48 6.45 -33.28
C VAL B 78 -0.62 6.36 -31.75
N ALA B 79 -0.01 7.29 -30.99
CA ALA B 79 -0.02 7.32 -29.52
C ALA B 79 -1.44 7.33 -28.95
N ILE B 80 -2.35 8.11 -29.56
CA ILE B 80 -3.75 8.21 -29.15
C ILE B 80 -4.48 6.91 -29.52
N ARG B 81 -4.14 6.37 -30.67
CA ARG B 81 -4.72 5.13 -31.11
C ARG B 81 -4.42 3.96 -30.21
N ILE B 82 -3.17 3.84 -29.77
CA ILE B 82 -2.72 2.81 -28.81
C ILE B 82 -3.41 3.05 -27.47
N PHE B 83 -3.51 4.32 -27.02
CA PHE B 83 -4.17 4.70 -25.77
C PHE B 83 -5.62 4.21 -25.75
N GLN B 84 -6.36 4.45 -26.87
CA GLN B 84 -7.76 4.06 -27.04
C GLN B 84 -7.92 2.53 -27.10
N GLY B 85 -6.90 1.85 -27.63
CA GLY B 85 -6.84 0.39 -27.70
C GLY B 85 -6.78 -0.21 -26.32
N CYS B 86 -6.03 0.45 -25.40
CA CYS B 86 -5.88 0.08 -23.99
C CYS B 86 -7.18 0.33 -23.25
N GLN B 87 -7.90 1.44 -23.57
CA GLN B 87 -9.21 1.79 -23.01
C GLN B 87 -10.23 0.72 -23.38
N PHE B 88 -10.24 0.29 -24.66
CA PHE B 88 -11.13 -0.75 -25.17
C PHE B 88 -10.96 -2.04 -24.38
N ARG B 89 -9.70 -2.50 -24.19
CA ARG B 89 -9.37 -3.73 -23.49
C ARG B 89 -9.72 -3.61 -21.99
N SER B 90 -9.47 -2.43 -21.38
CA SER B 90 -9.80 -2.17 -19.96
C SER B 90 -11.29 -2.37 -19.71
N VAL B 91 -12.15 -1.86 -20.61
CA VAL B 91 -13.60 -1.96 -20.54
C VAL B 91 -14.04 -3.46 -20.65
N GLU B 92 -13.36 -4.29 -21.50
CA GLU B 92 -13.58 -5.74 -21.61
C GLU B 92 -13.16 -6.47 -20.33
N ALA B 93 -11.99 -6.06 -19.78
CA ALA B 93 -11.43 -6.62 -18.54
C ALA B 93 -12.40 -6.38 -17.37
N VAL B 94 -12.99 -5.15 -17.29
CA VAL B 94 -13.97 -4.79 -16.26
C VAL B 94 -15.15 -5.80 -16.27
N GLN B 95 -15.67 -6.16 -17.45
CA GLN B 95 -16.79 -7.12 -17.53
C GLN B 95 -16.37 -8.53 -17.18
N GLU B 96 -15.12 -8.93 -17.52
CA GLU B 96 -14.62 -10.25 -17.12
C GLU B 96 -14.48 -10.32 -15.60
N ILE B 97 -13.93 -9.25 -14.98
CA ILE B 97 -13.75 -9.17 -13.51
C ILE B 97 -15.13 -9.17 -12.82
N THR B 98 -16.11 -8.42 -13.36
CA THR B 98 -17.48 -8.38 -12.82
C THR B 98 -18.09 -9.79 -12.80
N GLU B 99 -17.93 -10.55 -13.88
CA GLU B 99 -18.47 -11.91 -13.99
C GLU B 99 -17.76 -12.81 -12.99
N TYR B 100 -16.43 -12.64 -12.84
CA TYR B 100 -15.66 -13.43 -11.88
C TYR B 100 -16.11 -13.14 -10.42
N ALA B 101 -16.29 -11.86 -10.06
CA ALA B 101 -16.73 -11.42 -8.73
C ALA B 101 -18.02 -12.11 -8.27
N LYS B 102 -19.00 -12.23 -9.19
CA LYS B 102 -20.30 -12.87 -8.96
C LYS B 102 -20.15 -14.33 -8.51
N SER B 103 -19.06 -14.99 -8.89
CA SER B 103 -18.78 -16.36 -8.47
C SER B 103 -18.12 -16.46 -7.08
N ILE B 104 -17.62 -15.35 -6.50
CA ILE B 104 -17.00 -15.41 -5.17
C ILE B 104 -18.12 -15.69 -4.14
N PRO B 105 -18.06 -16.79 -3.35
CA PRO B 105 -19.13 -17.08 -2.38
C PRO B 105 -19.41 -15.92 -1.44
N GLY B 106 -20.68 -15.51 -1.40
CA GLY B 106 -21.18 -14.43 -0.56
C GLY B 106 -21.24 -13.08 -1.23
N PHE B 107 -20.47 -12.88 -2.33
CA PHE B 107 -20.43 -11.58 -3.02
C PHE B 107 -21.83 -11.11 -3.48
N VAL B 108 -22.61 -11.97 -4.17
CA VAL B 108 -23.92 -11.58 -4.71
C VAL B 108 -24.96 -11.36 -3.59
N ASN B 109 -24.69 -11.84 -2.36
CA ASN B 109 -25.56 -11.70 -1.19
C ASN B 109 -25.30 -10.37 -0.45
N LEU B 110 -24.23 -9.64 -0.84
CA LEU B 110 -23.95 -8.35 -0.24
C LEU B 110 -24.90 -7.31 -0.78
N ASP B 111 -25.10 -6.24 -0.02
CA ASP B 111 -25.78 -5.04 -0.45
C ASP B 111 -25.36 -4.64 -1.84
N LEU B 112 -26.32 -4.32 -2.68
CA LEU B 112 -26.05 -4.02 -4.07
C LEU B 112 -25.14 -2.82 -4.31
N ASN B 113 -25.30 -1.78 -3.53
CA ASN B 113 -24.42 -0.59 -3.59
C ASN B 113 -22.98 -0.93 -3.23
N ASP B 114 -22.78 -1.85 -2.26
CA ASP B 114 -21.46 -2.30 -1.81
C ASP B 114 -20.80 -3.12 -2.91
N GLN B 115 -21.54 -4.03 -3.59
CA GLN B 115 -21.08 -4.79 -4.76
C GLN B 115 -20.51 -3.85 -5.82
N VAL B 116 -21.25 -2.76 -6.14
CA VAL B 116 -20.87 -1.73 -7.11
C VAL B 116 -19.59 -1.02 -6.62
N THR B 117 -19.55 -0.64 -5.33
CA THR B 117 -18.39 0.03 -4.70
C THR B 117 -17.13 -0.85 -4.76
N LEU B 118 -17.25 -2.15 -4.39
CA LEU B 118 -16.14 -3.11 -4.43
C LEU B 118 -15.59 -3.28 -5.85
N LEU B 119 -16.48 -3.33 -6.86
CA LEU B 119 -16.05 -3.45 -8.24
C LEU B 119 -15.46 -2.13 -8.75
N LYS B 120 -16.08 -0.99 -8.40
CA LYS B 120 -15.64 0.35 -8.82
C LYS B 120 -14.16 0.59 -8.46
N TYR B 121 -13.77 0.26 -7.22
CA TYR B 121 -12.41 0.46 -6.75
C TYR B 121 -11.48 -0.73 -7.06
N GLY B 122 -12.02 -1.94 -7.05
CA GLY B 122 -11.24 -3.17 -7.26
C GLY B 122 -10.71 -3.47 -8.65
N VAL B 123 -11.50 -3.12 -9.71
CA VAL B 123 -11.18 -3.44 -11.11
C VAL B 123 -9.78 -2.98 -11.53
N HIS B 124 -9.39 -1.74 -11.21
CA HIS B 124 -8.09 -1.15 -11.59
C HIS B 124 -6.93 -1.92 -11.00
N GLU B 125 -7.02 -2.34 -9.72
CA GLU B 125 -5.98 -3.14 -9.04
C GLU B 125 -5.87 -4.51 -9.69
N ILE B 126 -7.02 -5.11 -10.07
CA ILE B 126 -7.05 -6.43 -10.72
C ILE B 126 -6.51 -6.34 -12.15
N ILE B 127 -6.81 -5.23 -12.87
CA ILE B 127 -6.34 -5.01 -14.23
C ILE B 127 -4.80 -5.05 -14.27
N TYR B 128 -4.12 -4.35 -13.34
CA TYR B 128 -2.65 -4.33 -13.30
C TYR B 128 -2.06 -5.63 -12.79
N THR B 129 -2.78 -6.35 -11.91
CA THR B 129 -2.36 -7.67 -11.44
C THR B 129 -2.34 -8.65 -12.62
N MET B 130 -3.41 -8.65 -13.41
CA MET B 130 -3.59 -9.56 -14.54
C MET B 130 -2.74 -9.16 -15.73
N LEU B 131 -2.43 -7.86 -15.87
CA LEU B 131 -1.58 -7.33 -16.93
C LEU B 131 -0.16 -7.90 -16.75
N ALA B 132 0.30 -8.09 -15.50
CA ALA B 132 1.60 -8.67 -15.16
C ALA B 132 1.76 -10.07 -15.76
N SER B 133 0.68 -10.87 -15.77
CA SER B 133 0.65 -12.22 -16.36
C SER B 133 0.95 -12.21 -17.85
N LEU B 134 0.62 -11.10 -18.53
CA LEU B 134 0.77 -10.94 -19.98
C LEU B 134 2.08 -10.22 -20.36
N MET B 135 2.88 -9.85 -19.35
CA MET B 135 4.12 -9.09 -19.49
C MET B 135 5.37 -9.87 -19.15
N ASN B 136 6.48 -9.38 -19.70
CA ASN B 136 7.85 -9.75 -19.37
C ASN B 136 8.61 -8.44 -19.43
N LYS B 137 9.93 -8.45 -19.21
CA LYS B 137 10.71 -7.22 -19.20
C LYS B 137 10.77 -6.55 -20.58
N ASP B 138 10.43 -7.28 -21.67
CA ASP B 138 10.53 -6.79 -23.05
C ASP B 138 9.21 -6.28 -23.65
N GLY B 139 8.08 -6.77 -23.18
CA GLY B 139 6.81 -6.33 -23.74
C GLY B 139 5.56 -6.96 -23.15
N VAL B 140 4.42 -6.69 -23.81
CA VAL B 140 3.12 -7.16 -23.33
C VAL B 140 2.31 -7.82 -24.45
N LEU B 141 1.67 -8.96 -24.13
CA LEU B 141 0.76 -9.68 -25.01
C LEU B 141 -0.55 -8.90 -25.12
N ILE B 142 -1.06 -8.70 -26.32
CA ILE B 142 -2.30 -8.00 -26.51
C ILE B 142 -3.26 -8.81 -27.39
N SER B 143 -4.53 -8.45 -27.36
CA SER B 143 -5.57 -9.07 -28.18
C SER B 143 -5.65 -10.58 -28.10
N GLU B 144 -5.84 -11.06 -26.91
CA GLU B 144 -5.89 -12.51 -26.61
C GLU B 144 -4.60 -13.25 -27.06
N GLY B 145 -3.45 -12.58 -26.94
CA GLY B 145 -2.14 -13.15 -27.27
C GLY B 145 -1.80 -13.20 -28.73
N GLN B 146 -2.62 -12.55 -29.62
CA GLN B 146 -2.40 -12.46 -31.06
C GLN B 146 -1.25 -11.53 -31.36
N GLY B 147 -1.08 -10.52 -30.51
CA GLY B 147 -0.03 -9.52 -30.67
C GLY B 147 0.90 -9.45 -29.49
N PHE B 148 2.03 -8.77 -29.68
CA PHE B 148 3.02 -8.53 -28.64
C PHE B 148 3.61 -7.14 -28.86
N MET B 149 3.21 -6.17 -28.03
CA MET B 149 3.73 -4.82 -28.14
C MET B 149 4.93 -4.67 -27.23
N THR B 150 6.06 -4.19 -27.78
CA THR B 150 7.31 -4.07 -27.04
C THR B 150 7.28 -2.87 -26.10
N ARG B 151 7.98 -3.01 -24.96
CA ARG B 151 8.13 -2.01 -23.92
C ARG B 151 8.82 -0.77 -24.49
N GLU B 152 9.89 -0.98 -25.31
CA GLU B 152 10.68 0.09 -25.91
C GLU B 152 9.83 0.92 -26.87
N PHE B 153 8.94 0.28 -27.66
CA PHE B 153 8.06 1.00 -28.57
C PHE B 153 7.08 1.88 -27.80
N LEU B 154 6.44 1.31 -26.75
CA LEU B 154 5.51 2.04 -25.88
C LEU B 154 6.21 3.23 -25.22
N LYS B 155 7.47 3.04 -24.81
CA LYS B 155 8.32 4.07 -24.21
C LYS B 155 8.66 5.17 -25.23
N SER B 156 8.83 4.79 -26.52
CA SER B 156 9.18 5.71 -27.62
C SER B 156 8.03 6.67 -28.02
N LEU B 157 6.80 6.43 -27.50
CA LEU B 157 5.64 7.28 -27.79
C LEU B 157 5.85 8.68 -27.19
N ARG B 158 5.38 9.72 -27.91
CA ARG B 158 5.55 11.11 -27.48
C ARG B 158 4.79 11.40 -26.17
N LYS B 159 5.34 12.31 -25.35
CA LYS B 159 4.82 12.75 -24.04
C LYS B 159 3.35 13.17 -24.13
N PRO B 160 2.50 12.81 -23.13
CA PRO B 160 2.80 12.04 -21.90
C PRO B 160 2.57 10.52 -22.04
N PHE B 161 2.28 10.07 -23.25
CA PHE B 161 1.94 8.70 -23.57
C PHE B 161 3.03 7.67 -23.32
N GLY B 162 4.25 8.07 -23.57
CA GLY B 162 5.40 7.19 -23.37
C GLY B 162 5.68 6.81 -21.93
N ASP B 163 5.01 7.49 -20.98
CA ASP B 163 5.17 7.28 -19.55
C ASP B 163 4.04 6.43 -18.94
N PHE B 164 2.97 6.13 -19.70
CA PHE B 164 1.82 5.40 -19.15
C PHE B 164 2.14 3.93 -18.77
N MET B 165 2.70 3.13 -19.69
CA MET B 165 2.92 1.71 -19.42
C MET B 165 4.20 1.36 -18.64
N GLU B 166 5.21 2.25 -18.63
CA GLU B 166 6.48 2.01 -17.96
C GLU B 166 6.32 1.63 -16.45
N PRO B 167 5.56 2.35 -15.57
CA PRO B 167 5.41 1.91 -14.17
C PRO B 167 4.74 0.54 -14.02
N LYS B 168 3.87 0.16 -14.99
CA LYS B 168 3.18 -1.14 -15.03
C LYS B 168 4.20 -2.26 -15.31
N PHE B 169 5.13 -2.03 -16.27
CA PHE B 169 6.22 -2.96 -16.58
C PHE B 169 7.14 -3.15 -15.37
N GLU B 170 7.45 -2.05 -14.67
CA GLU B 170 8.28 -2.01 -13.46
C GLU B 170 7.63 -2.85 -12.36
N PHE B 171 6.29 -2.72 -12.19
CA PHE B 171 5.53 -3.52 -11.21
C PHE B 171 5.52 -4.99 -11.61
N ALA B 172 5.22 -5.27 -12.91
CA ALA B 172 5.12 -6.63 -13.44
C ALA B 172 6.41 -7.42 -13.27
N VAL B 173 7.57 -6.80 -13.50
CA VAL B 173 8.88 -7.47 -13.37
C VAL B 173 9.05 -7.96 -11.93
N LYS B 174 8.70 -7.12 -10.95
CA LYS B 174 8.77 -7.44 -9.51
C LYS B 174 7.72 -8.49 -9.13
N PHE B 175 6.45 -8.29 -9.54
CA PHE B 175 5.34 -9.20 -9.24
C PHE B 175 5.57 -10.58 -9.86
N ASN B 176 6.09 -10.64 -11.10
CA ASN B 176 6.33 -11.91 -11.79
C ASN B 176 7.45 -12.73 -11.13
N ALA B 177 8.35 -12.08 -10.35
CA ALA B 177 9.43 -12.76 -9.62
C ALA B 177 8.88 -13.64 -8.47
N LEU B 178 7.61 -13.43 -8.06
CA LEU B 178 6.94 -14.23 -7.04
C LEU B 178 6.55 -15.60 -7.59
N GLU B 179 6.55 -15.74 -8.93
CA GLU B 179 6.27 -16.96 -9.71
C GLU B 179 4.92 -17.60 -9.34
N LEU B 180 3.88 -16.76 -9.21
CA LEU B 180 2.54 -17.25 -8.90
C LEU B 180 1.90 -17.85 -10.13
N ASP B 181 1.03 -18.85 -9.95
CA ASP B 181 0.31 -19.42 -11.09
C ASP B 181 -1.17 -18.97 -11.02
N ASP B 182 -1.99 -19.36 -12.01
CA ASP B 182 -3.40 -19.00 -12.13
C ASP B 182 -4.22 -19.38 -10.90
N SER B 183 -3.97 -20.58 -10.30
CA SER B 183 -4.68 -21.03 -9.10
C SER B 183 -4.36 -20.13 -7.91
N ASP B 184 -3.12 -19.58 -7.84
CA ASP B 184 -2.75 -18.63 -6.78
C ASP B 184 -3.44 -17.29 -7.02
N LEU B 185 -3.38 -16.80 -8.29
CA LEU B 185 -3.94 -15.51 -8.72
C LEU B 185 -5.46 -15.44 -8.54
N ALA B 186 -6.18 -16.56 -8.81
CA ALA B 186 -7.64 -16.66 -8.64
C ALA B 186 -8.06 -16.25 -7.22
N ILE B 187 -7.36 -16.74 -6.17
CA ILE B 187 -7.69 -16.37 -4.78
C ILE B 187 -7.21 -14.94 -4.46
N PHE B 188 -6.02 -14.54 -4.94
CA PHE B 188 -5.47 -13.20 -4.72
C PHE B 188 -6.42 -12.11 -5.25
N ILE B 189 -6.94 -12.28 -6.48
CA ILE B 189 -7.87 -11.33 -7.12
C ILE B 189 -9.16 -11.23 -6.27
N ALA B 190 -9.65 -12.38 -5.78
CA ALA B 190 -10.84 -12.45 -4.93
C ALA B 190 -10.64 -11.65 -3.63
N VAL B 191 -9.43 -11.77 -3.01
CA VAL B 191 -9.04 -11.02 -1.80
C VAL B 191 -9.08 -9.50 -2.10
N ILE B 192 -8.57 -9.09 -3.28
CA ILE B 192 -8.56 -7.68 -3.70
C ILE B 192 -9.99 -7.14 -3.75
N ILE B 193 -10.93 -7.88 -4.43
CA ILE B 193 -12.32 -7.44 -4.59
C ILE B 193 -12.99 -7.19 -3.22
N LEU B 194 -12.84 -8.12 -2.29
CA LEU B 194 -13.47 -8.06 -0.99
C LEU B 194 -12.64 -7.22 0.02
N SER B 195 -12.28 -5.98 -0.36
CA SER B 195 -11.56 -5.04 0.48
C SER B 195 -12.58 -4.19 1.25
N GLY B 196 -12.63 -4.38 2.57
CA GLY B 196 -13.57 -3.67 3.43
C GLY B 196 -13.25 -2.21 3.69
N ASP B 197 -12.13 -1.71 3.16
CA ASP B 197 -11.71 -0.32 3.39
C ASP B 197 -12.04 0.62 2.23
N ARG B 198 -12.88 0.17 1.27
CA ARG B 198 -13.26 1.03 0.13
C ARG B 198 -14.14 2.18 0.62
N PRO B 199 -13.97 3.43 0.11
CA PRO B 199 -14.83 4.52 0.58
C PRO B 199 -16.27 4.36 0.13
N GLY B 200 -17.19 4.64 1.06
CA GLY B 200 -18.63 4.60 0.82
C GLY B 200 -19.33 3.27 1.07
N LEU B 201 -18.63 2.30 1.70
CA LEU B 201 -19.26 0.99 1.99
C LEU B 201 -20.29 1.13 3.13
N LEU B 202 -21.43 0.42 3.01
CA LEU B 202 -22.49 0.51 4.00
C LEU B 202 -22.39 -0.60 5.06
N ASN B 203 -22.00 -1.82 4.66
CA ASN B 203 -21.88 -2.95 5.58
C ASN B 203 -20.53 -3.68 5.36
N VAL B 204 -19.50 -3.22 6.11
CA VAL B 204 -18.12 -3.71 6.01
C VAL B 204 -17.98 -5.14 6.61
N LYS B 205 -18.74 -5.49 7.66
CA LYS B 205 -18.61 -6.81 8.33
C LYS B 205 -18.73 -8.02 7.36
N PRO B 206 -19.79 -8.21 6.52
CA PRO B 206 -19.84 -9.40 5.67
C PRO B 206 -18.73 -9.39 4.61
N ILE B 207 -18.24 -8.20 4.21
CA ILE B 207 -17.12 -8.09 3.25
C ILE B 207 -15.85 -8.65 3.91
N GLU B 208 -15.50 -8.16 5.10
CA GLU B 208 -14.34 -8.61 5.88
C GLU B 208 -14.45 -10.08 6.25
N ASP B 209 -15.69 -10.58 6.49
CA ASP B 209 -15.94 -11.98 6.81
C ASP B 209 -15.55 -12.86 5.63
N ILE B 210 -15.94 -12.45 4.40
CA ILE B 210 -15.61 -13.20 3.19
C ILE B 210 -14.08 -13.11 2.95
N GLN B 211 -13.50 -11.90 3.06
CA GLN B 211 -12.06 -11.71 2.85
C GLN B 211 -11.22 -12.57 3.79
N ASP B 212 -11.66 -12.73 5.05
CA ASP B 212 -11.00 -13.58 6.07
CA ASP B 212 -10.92 -13.55 6.02
C ASP B 212 -10.87 -15.00 5.54
N ASN B 213 -11.99 -15.54 5.00
CA ASN B 213 -12.04 -16.90 4.43
CA ASN B 213 -12.07 -16.88 4.43
C ASN B 213 -11.17 -16.98 3.19
N LEU B 214 -11.17 -15.91 2.35
CA LEU B 214 -10.35 -15.83 1.14
C LEU B 214 -8.86 -15.77 1.49
N LEU B 215 -8.50 -14.98 2.52
CA LEU B 215 -7.11 -14.86 3.02
C LEU B 215 -6.63 -16.20 3.58
N GLN B 216 -7.51 -16.93 4.29
CA GLN B 216 -7.23 -18.28 4.81
C GLN B 216 -6.97 -19.26 3.68
N ALA B 217 -7.82 -19.21 2.61
CA ALA B 217 -7.69 -20.08 1.45
C ALA B 217 -6.42 -19.77 0.68
N LEU B 218 -6.06 -18.47 0.58
CA LEU B 218 -4.84 -18.03 -0.12
C LEU B 218 -3.59 -18.53 0.62
N GLU B 219 -3.57 -18.40 1.97
CA GLU B 219 -2.47 -18.82 2.83
C GLU B 219 -2.18 -20.32 2.68
N LEU B 220 -3.23 -21.16 2.67
CA LEU B 220 -3.08 -22.60 2.52
C LEU B 220 -2.64 -22.94 1.09
N GLN B 221 -3.15 -22.22 0.08
CA GLN B 221 -2.81 -22.41 -1.32
C GLN B 221 -1.31 -22.18 -1.55
N LEU B 222 -0.78 -21.05 -1.05
CA LEU B 222 0.62 -20.66 -1.19
C LEU B 222 1.55 -21.61 -0.44
N LYS B 223 1.17 -22.06 0.76
CA LYS B 223 1.96 -23.00 1.56
C LYS B 223 2.07 -24.38 0.88
N LEU B 224 0.97 -24.84 0.23
CA LEU B 224 0.94 -26.14 -0.45
C LEU B 224 1.55 -26.09 -1.86
N ASN B 225 1.31 -24.99 -2.59
CA ASN B 225 1.78 -24.82 -3.96
C ASN B 225 3.23 -24.34 -4.02
N HIS B 226 3.68 -23.56 -3.03
CA HIS B 226 5.05 -23.05 -2.99
C HIS B 226 5.65 -23.33 -1.61
N PRO B 227 5.93 -24.63 -1.26
CA PRO B 227 6.43 -24.93 0.09
C PRO B 227 7.80 -24.35 0.41
N GLU B 228 8.64 -24.19 -0.61
CA GLU B 228 10.00 -23.67 -0.50
C GLU B 228 10.03 -22.13 -0.44
N SER B 229 8.94 -21.46 -0.87
CA SER B 229 8.86 -20.00 -0.93
C SER B 229 8.35 -19.45 0.42
N SER B 230 9.31 -19.15 1.31
CA SER B 230 9.09 -18.65 2.66
C SER B 230 8.47 -17.25 2.65
N GLN B 231 7.42 -17.07 3.46
CA GLN B 231 6.65 -15.82 3.64
C GLN B 231 6.14 -15.24 2.29
N LEU B 232 5.77 -16.11 1.32
CA LEU B 232 5.18 -15.69 0.04
C LEU B 232 3.83 -14.98 0.29
N PHE B 233 3.08 -15.46 1.28
CA PHE B 233 1.80 -14.88 1.69
C PHE B 233 1.97 -13.40 2.06
N ALA B 234 2.89 -13.08 3.00
CA ALA B 234 3.20 -11.71 3.40
C ALA B 234 3.71 -10.89 2.20
N LYS B 235 4.61 -11.46 1.38
CA LYS B 235 5.19 -10.82 0.19
C LYS B 235 4.11 -10.41 -0.81
N LEU B 236 3.12 -11.29 -1.03
CA LEU B 236 1.98 -11.04 -1.91
C LEU B 236 1.07 -9.93 -1.37
N LEU B 237 0.76 -9.94 -0.06
CA LEU B 237 -0.06 -8.90 0.58
C LEU B 237 0.62 -7.53 0.52
N GLN B 238 1.97 -7.51 0.54
CA GLN B 238 2.76 -6.30 0.43
C GLN B 238 2.62 -5.68 -0.96
N LYS B 239 2.39 -6.51 -2.02
CA LYS B 239 2.23 -6.05 -3.41
C LYS B 239 0.97 -5.20 -3.59
N MET B 240 -0.02 -5.37 -2.69
CA MET B 240 -1.29 -4.62 -2.67
C MET B 240 -1.04 -3.10 -2.47
N THR B 241 0.11 -2.71 -1.88
CA THR B 241 0.57 -1.34 -1.70
C THR B 241 1.09 -0.79 -3.03
N ASP B 242 1.83 -1.64 -3.77
CA ASP B 242 2.40 -1.29 -5.07
C ASP B 242 1.29 -1.15 -6.11
N LEU B 243 0.19 -1.90 -5.96
CA LEU B 243 -0.97 -1.84 -6.85
C LEU B 243 -1.72 -0.52 -6.67
N ARG B 244 -1.96 -0.11 -5.40
CA ARG B 244 -2.67 1.14 -5.10
C ARG B 244 -1.86 2.35 -5.56
N GLN B 245 -0.52 2.27 -5.54
CA GLN B 245 0.38 3.34 -5.97
C GLN B 245 0.32 3.48 -7.49
N ILE B 246 0.24 2.36 -8.25
CA ILE B 246 0.11 2.35 -9.71
C ILE B 246 -1.19 3.05 -10.09
N VAL B 247 -2.27 2.67 -9.43
CA VAL B 247 -3.56 3.24 -9.70
C VAL B 247 -3.56 4.72 -9.39
N THR B 248 -2.93 5.12 -8.30
CA THR B 248 -2.86 6.51 -7.92
C THR B 248 -2.10 7.37 -8.91
N GLU B 249 -0.99 6.82 -9.36
CA GLU B 249 -0.13 7.38 -10.37
C GLU B 249 -0.77 7.50 -11.74
N HIS B 250 -1.51 6.50 -12.13
CA HIS B 250 -2.22 6.42 -13.40
C HIS B 250 -3.27 7.53 -13.50
N VAL B 251 -4.00 7.78 -12.40
CA VAL B 251 -5.03 8.83 -12.28
C VAL B 251 -4.37 10.21 -12.52
N GLN B 252 -3.16 10.43 -11.94
CA GLN B 252 -2.36 11.65 -12.10
C GLN B 252 -1.83 11.80 -13.54
N LEU B 253 -1.48 10.68 -14.19
CA LEU B 253 -1.00 10.68 -15.58
C LEU B 253 -2.18 11.02 -16.51
N LEU B 254 -3.40 10.54 -16.17
CA LEU B 254 -4.63 10.82 -16.92
C LEU B 254 -5.02 12.29 -16.77
N GLN B 255 -4.72 12.91 -15.61
CA GLN B 255 -4.99 14.33 -15.35
C GLN B 255 -4.29 15.17 -16.42
N VAL B 256 -3.01 14.85 -16.71
CA VAL B 256 -2.14 15.49 -17.70
C VAL B 256 -2.78 15.43 -19.12
N ILE B 257 -3.29 14.30 -19.56
CA ILE B 257 -3.95 14.31 -20.85
C ILE B 257 -5.23 15.11 -20.87
N LYS B 258 -6.04 14.96 -19.84
CA LYS B 258 -7.29 15.71 -19.76
C LYS B 258 -7.06 17.24 -19.83
N LYS B 259 -5.92 17.70 -19.27
CA LYS B 259 -5.49 19.09 -19.19
C LYS B 259 -4.74 19.60 -20.44
N THR B 260 -4.10 18.69 -21.23
CA THR B 260 -3.30 19.12 -22.40
C THR B 260 -3.63 18.39 -23.74
N GLU B 261 -4.47 17.33 -23.72
CA GLU B 261 -4.80 16.53 -24.90
C GLU B 261 -6.32 16.23 -24.88
N THR B 262 -7.11 17.28 -24.97
CA THR B 262 -8.55 17.17 -25.13
C THR B 262 -9.09 17.08 -26.58
N ASP B 263 -10.11 16.25 -26.73
CA ASP B 263 -10.97 16.06 -27.92
C ASP B 263 -10.33 15.93 -29.29
N LEU B 266 -14.24 15.44 -29.76
CA LEU B 266 -14.42 14.06 -29.33
C LEU B 266 -15.89 13.66 -29.37
N HIS B 267 -16.15 12.35 -29.59
CA HIS B 267 -17.48 11.77 -29.62
C HIS B 267 -18.04 11.62 -28.19
N PRO B 268 -19.15 12.33 -27.86
CA PRO B 268 -19.73 12.25 -26.50
C PRO B 268 -20.15 10.85 -26.07
N LEU B 269 -20.59 9.98 -27.01
CA LEU B 269 -20.96 8.60 -26.69
C LEU B 269 -19.73 7.81 -26.25
N LEU B 270 -18.58 8.01 -26.94
CA LEU B 270 -17.30 7.38 -26.62
C LEU B 270 -16.80 7.83 -25.26
N GLN B 271 -16.90 9.14 -24.97
CA GLN B 271 -16.54 9.75 -23.68
C GLN B 271 -17.34 9.10 -22.53
N GLU B 272 -18.63 8.81 -22.80
CA GLU B 272 -19.53 8.17 -21.84
C GLU B 272 -19.15 6.70 -21.63
N ILE B 273 -18.70 5.99 -22.71
CA ILE B 273 -18.26 4.60 -22.62
C ILE B 273 -16.96 4.55 -21.79
N TYR B 274 -16.09 5.50 -22.04
CA TYR B 274 -14.79 5.53 -21.42
C TYR B 274 -14.71 6.40 -20.18
N LYS B 275 -15.85 6.80 -19.68
CA LYS B 275 -15.87 7.53 -18.46
C LYS B 275 -15.35 6.61 -17.41
N ASP B 276 -14.67 7.16 -16.43
CA ASP B 276 -14.24 6.33 -15.34
C ASP B 276 -13.13 5.41 -15.76
N LEU B 277 -12.53 5.76 -16.89
CA LEU B 277 -11.41 5.00 -17.38
C LEU B 277 -11.77 3.53 -17.43
C1 KNA C . 5.24 17.31 21.41
O1 KNA C . 5.48 16.12 21.54
C2 KNA C . 4.50 17.83 20.18
O2 KNA C . 5.64 18.18 22.40
C3 KNA C . 4.48 19.37 20.12
C4 KNA C . 3.11 19.87 19.70
C5 KNA C . 3.10 21.40 19.63
C6 KNA C . 3.34 22.11 20.98
C7 KNA C . 3.23 23.65 20.81
C8 KNA C . 4.52 24.33 21.32
C9 KNA C . 4.32 25.85 21.53
C1 KNA D . 4.27 15.02 14.67
O1 KNA D . 4.06 15.22 13.47
C2 KNA D . 5.34 14.02 15.09
O2 KNA D . 3.55 15.69 15.63
C3 KNA D . 4.99 13.23 16.36
C4 KNA D . 6.11 12.19 16.60
C5 KNA D . 5.62 10.98 17.42
C6 KNA D . 5.99 9.67 16.71
C7 KNA D . 6.81 8.80 17.67
C8 KNA D . 7.87 7.94 16.95
C9 KNA D . 9.01 7.63 17.92
C1 LU2 E . -3.69 -4.41 -24.11
O1 LU2 E . -2.27 -4.66 -22.31
C2 LU2 E . -2.53 -4.03 -23.45
O2 LU2 E . -1.06 -1.50 -25.64
C3 LU2 E . -1.66 -3.06 -23.94
O3 LU2 E . -2.86 -1.38 -27.71
C4 LU2 E . -1.95 -2.44 -25.19
O4 LU2 E . -5.18 -4.32 -25.88
C5 LU2 E . -3.16 -2.82 -25.90
O5 LU2 E . -9.31 -3.38 -30.17
C6 LU2 E . -4.01 -3.84 -25.32
O6 LU2 E . -10.23 -5.77 -29.34
C7 LU2 E . -3.54 -2.26 -27.15
C8 LU2 E . -4.73 -2.75 -27.76
C9 LU2 E . -5.54 -3.77 -27.12
C10 LU2 E . -6.74 -4.27 -27.68
C11 LU2 E . -7.44 -3.51 -28.68
C12 LU2 E . -8.61 -4.05 -29.22
C13 LU2 E . -9.10 -5.29 -28.79
C14 LU2 E . -8.44 -6.03 -27.80
C15 LU2 E . -7.24 -5.53 -27.25
C1 MYR F . -5.66 -8.14 -19.90
O1 MYR F . -5.44 -7.89 -21.09
O2 MYR F . -6.01 -9.43 -19.60
C2 MYR F . -5.55 -7.06 -18.80
C3 MYR F . -6.28 -5.74 -19.20
C4 MYR F . -5.26 -4.75 -19.79
C5 MYR F . -5.86 -3.41 -20.22
C6 MYR F . -4.69 -2.53 -20.69
C7 MYR F . -4.46 -1.36 -19.69
C8 MYR F . -3.08 -0.70 -19.86
C9 MYR F . -2.91 0.50 -18.87
C10 MYR F . -3.02 1.88 -19.58
C11 MYR F . -1.68 2.32 -20.22
C12 MYR F . -1.92 3.25 -21.42
C13 MYR F . -0.86 2.97 -22.50
C14 MYR F . -0.70 4.14 -23.50
#